data_5O6O
#
_entry.id   5O6O
#
_cell.length_a   91.371
_cell.length_b   91.371
_cell.length_c   133.290
_cell.angle_alpha   90.00
_cell.angle_beta   90.00
_cell.angle_gamma   90.00
#
_symmetry.space_group_name_H-M   'I 4 2 2'
#
loop_
_entity.id
_entity.type
_entity.pdbx_description
1 polymer '17-beta-hydroxysteroid dehydrogenase 14'
2 non-polymer NICOTINAMIDE-ADENINE-DINUCLEOTIDE
3 non-polymer 'SODIUM ION'
4 non-polymer beta-D-glucopyranose
5 non-polymer 2-fluoranyl-3-[6-(4-fluoranyl-3-oxidanyl-phenoxy)pyridin-2-yl]phenol
6 water water
#
_entity_poly.entity_id   1
_entity_poly.type   'polypeptide(L)'
_entity_poly.pdbx_seq_one_letter_code
;GHMATGTRYAGKVVVVTGGGRGIGAGIVRAFVNSGARVVICDKDESGGRALEQELPGAVFILCDVTQEDDVKTLVSETIR
RFGRLDCVVNNAGHHPPPQRPEETSAQGFRQLLELNLLGTYTLTKLALPYLRKSQGNVINISSLVGAIGQAQAVPYVATK
GAVTAMTKALALDESPYGVRVNCISPGNIWTPLWEELAALMPDPRATIREGMLAQPLGRMGQPAEVGAAAVFLASEANFC
TGIELLVTGGAELGYGCKASRSTPVDAPDIPSGS
;
_entity_poly.pdbx_strand_id   A
#
loop_
_chem_comp.id
_chem_comp.type
_chem_comp.name
_chem_comp.formula
9MB non-polymer 2-fluoranyl-3-[6-(4-fluoranyl-3-oxidanyl-phenoxy)pyridin-2-yl]phenol 'C17 H11 F2 N O3'
BGC D-saccharide, beta linking beta-D-glucopyranose 'C6 H12 O6'
NA non-polymer 'SODIUM ION' 'Na 1'
NAD non-polymer NICOTINAMIDE-ADENINE-DINUCLEOTIDE 'C21 H27 N7 O14 P2'
#
# COMPACT_ATOMS: atom_id res chain seq x y z
N GLY A 6 -6.63 -13.30 -16.82
CA GLY A 6 -8.04 -13.43 -16.47
C GLY A 6 -8.32 -14.58 -15.52
N THR A 7 -7.35 -15.47 -15.31
CA THR A 7 -7.57 -16.62 -14.44
C THR A 7 -6.48 -16.87 -13.41
N ARG A 8 -5.42 -16.07 -13.36
CA ARG A 8 -4.34 -16.40 -12.44
C ARG A 8 -4.76 -16.29 -10.99
N TYR A 9 -5.83 -15.53 -10.68
CA TYR A 9 -6.31 -15.44 -9.30
C TYR A 9 -7.82 -15.64 -9.26
N ALA A 10 -8.32 -16.45 -10.18
CA ALA A 10 -9.75 -16.72 -10.24
C ALA A 10 -10.24 -17.41 -8.98
N GLY A 11 -11.44 -17.04 -8.56
CA GLY A 11 -12.06 -17.67 -7.41
C GLY A 11 -11.63 -17.09 -6.09
N LYS A 12 -10.70 -16.14 -6.09
CA LYS A 12 -10.10 -15.60 -4.88
C LYS A 12 -10.75 -14.25 -4.55
N VAL A 13 -10.69 -13.88 -3.28
CA VAL A 13 -11.29 -12.65 -2.75
C VAL A 13 -10.16 -11.81 -2.11
N VAL A 14 -10.09 -10.56 -2.53
CA VAL A 14 -9.01 -9.65 -2.14
C VAL A 14 -9.61 -8.38 -1.54
N VAL A 15 -9.02 -7.88 -0.46
CA VAL A 15 -9.37 -6.58 0.13
C VAL A 15 -8.20 -5.64 -0.15
N VAL A 16 -8.49 -4.47 -0.70
CA VAL A 16 -7.46 -3.45 -0.96
C VAL A 16 -7.85 -2.20 -0.19
N THR A 17 -7.04 -1.81 0.76
CA THR A 17 -7.31 -0.57 1.49
C THR A 17 -6.78 0.64 0.72
N GLY A 18 -7.42 1.79 0.92
CA GLY A 18 -7.08 2.94 0.10
C GLY A 18 -7.22 2.66 -1.38
N GLY A 19 -8.21 1.86 -1.77
CA GLY A 19 -8.35 1.43 -3.14
C GLY A 19 -9.08 2.38 -4.05
N GLY A 20 -9.49 3.56 -3.57
CA GLY A 20 -10.31 4.46 -4.36
C GLY A 20 -9.59 5.28 -5.41
N ARG A 21 -8.27 5.47 -5.28
CA ARG A 21 -7.49 6.21 -6.25
C ARG A 21 -6.03 5.77 -6.15
N GLY A 22 -5.20 6.29 -7.05
CA GLY A 22 -3.75 6.13 -6.94
C GLY A 22 -3.31 4.68 -7.08
N ILE A 23 -2.30 4.32 -6.30
CA ILE A 23 -1.76 2.95 -6.32
C ILE A 23 -2.87 1.95 -6.00
N GLY A 24 -3.66 2.24 -4.96
CA GLY A 24 -4.71 1.31 -4.54
C GLY A 24 -5.66 0.96 -5.67
N ALA A 25 -6.08 1.98 -6.43
CA ALA A 25 -6.98 1.72 -7.55
C ALA A 25 -6.29 0.87 -8.61
N GLY A 26 -4.98 1.12 -8.85
CA GLY A 26 -4.23 0.28 -9.76
C GLY A 26 -4.17 -1.17 -9.31
N ILE A 27 -4.01 -1.37 -8.00
CA ILE A 27 -4.00 -2.74 -7.48
C ILE A 27 -5.37 -3.38 -7.62
N VAL A 28 -6.45 -2.62 -7.33
CA VAL A 28 -7.79 -3.14 -7.54
C VAL A 28 -7.95 -3.62 -8.97
N ARG A 29 -7.59 -2.77 -9.94
CA ARG A 29 -7.77 -3.13 -11.34
C ARG A 29 -6.97 -4.37 -11.69
N ALA A 30 -5.74 -4.46 -11.20
CA ALA A 30 -4.91 -5.62 -11.53
C ALA A 30 -5.54 -6.90 -11.01
N PHE A 31 -6.07 -6.88 -9.78
CA PHE A 31 -6.69 -8.08 -9.24
C PHE A 31 -7.97 -8.45 -9.98
N VAL A 32 -8.82 -7.47 -10.29
CA VAL A 32 -10.00 -7.78 -11.10
C VAL A 32 -9.60 -8.42 -12.43
N ASN A 33 -8.59 -7.85 -13.08
CA ASN A 33 -8.14 -8.40 -14.37
C ASN A 33 -7.59 -9.81 -14.21
N SER A 34 -7.13 -10.20 -13.03
CA SER A 34 -6.64 -11.53 -12.79
C SER A 34 -7.73 -12.52 -12.42
N GLY A 35 -8.99 -12.06 -12.36
CA GLY A 35 -10.13 -12.93 -12.09
C GLY A 35 -10.64 -12.95 -10.67
N ALA A 36 -10.07 -12.15 -9.78
CA ALA A 36 -10.49 -12.11 -8.40
C ALA A 36 -11.67 -11.19 -8.21
N ARG A 37 -12.40 -11.42 -7.13
CA ARG A 37 -13.34 -10.44 -6.61
C ARG A 37 -12.63 -9.56 -5.60
N VAL A 38 -12.86 -8.26 -5.67
CA VAL A 38 -12.11 -7.29 -4.88
C VAL A 38 -13.06 -6.43 -4.08
N VAL A 39 -12.74 -6.25 -2.80
CA VAL A 39 -13.40 -5.28 -1.93
C VAL A 39 -12.49 -4.06 -1.86
N ILE A 40 -13.02 -2.95 -2.32
CA ILE A 40 -12.34 -1.66 -2.27
C ILE A 40 -12.69 -1.04 -0.94
N CYS A 41 -11.69 -0.83 -0.08
CA CYS A 41 -11.86 -0.09 1.16
C CYS A 41 -11.27 1.31 0.98
N ASP A 42 -12.02 2.33 1.38
CA ASP A 42 -11.51 3.69 1.38
C ASP A 42 -12.30 4.51 2.38
N LYS A 43 -11.61 5.48 3.00
N LYS A 43 -11.66 5.56 2.92
CA LYS A 43 -12.27 6.37 3.95
CA LYS A 43 -12.40 6.52 3.75
C LYS A 43 -13.18 7.35 3.25
C LYS A 43 -13.10 7.58 2.94
N ASP A 44 -12.94 7.63 1.98
N ASP A 44 -12.85 7.64 1.63
CA ASP A 44 -13.74 8.55 1.19
CA ASP A 44 -13.42 8.63 0.73
C ASP A 44 -14.47 7.78 0.09
C ASP A 44 -14.34 7.89 -0.22
N GLU A 45 -15.59 8.33 -0.32
CA GLU A 45 -16.54 7.62 -1.17
C GLU A 45 -16.31 7.85 -2.66
N SER A 46 -15.75 9.00 -3.04
N SER A 46 -15.78 9.03 -3.04
CA SER A 46 -15.84 9.48 -4.42
CA SER A 46 -15.87 9.45 -4.43
C SER A 46 -15.23 8.50 -5.42
C SER A 46 -15.24 8.44 -5.39
N GLY A 47 -13.93 8.21 -5.26
CA GLY A 47 -13.27 7.35 -6.22
C GLY A 47 -13.72 5.90 -6.11
N GLY A 48 -13.83 5.40 -4.89
CA GLY A 48 -14.16 4.00 -4.70
C GLY A 48 -15.54 3.62 -5.19
N ARG A 49 -16.53 4.48 -4.99
CA ARG A 49 -17.88 4.18 -5.47
C ARG A 49 -17.90 4.14 -6.99
N ALA A 50 -17.20 5.06 -7.64
CA ALA A 50 -17.17 5.04 -9.09
C ALA A 50 -16.47 3.79 -9.59
N LEU A 51 -15.41 3.37 -8.89
CA LEU A 51 -14.68 2.18 -9.30
C LEU A 51 -15.57 0.93 -9.20
N GLU A 52 -16.42 0.87 -8.17
N GLU A 52 -16.39 0.84 -8.14
CA GLU A 52 -17.35 -0.23 -8.03
CA GLU A 52 -17.33 -0.28 -8.09
C GLU A 52 -18.35 -0.28 -9.19
C GLU A 52 -18.26 -0.28 -9.28
N GLN A 53 -18.78 0.89 -9.68
CA GLN A 53 -19.69 0.91 -10.80
C GLN A 53 -19.00 0.50 -12.10
N GLU A 54 -17.72 0.86 -12.21
CA GLU A 54 -16.97 0.60 -13.42
C GLU A 54 -16.58 -0.87 -13.54
N LEU A 55 -16.20 -1.51 -12.44
CA LEU A 55 -15.60 -2.85 -12.49
C LEU A 55 -16.55 -3.92 -12.00
N PRO A 56 -17.05 -4.79 -12.86
CA PRO A 56 -17.70 -5.98 -12.37
C PRO A 56 -16.67 -6.82 -11.65
N GLY A 57 -17.04 -7.27 -10.49
CA GLY A 57 -16.13 -8.00 -9.66
C GLY A 57 -15.51 -7.18 -8.55
N ALA A 58 -15.66 -5.85 -8.56
CA ALA A 58 -15.24 -5.03 -7.44
C ALA A 58 -16.45 -4.38 -6.77
N VAL A 59 -16.41 -4.30 -5.43
CA VAL A 59 -17.42 -3.60 -4.65
C VAL A 59 -16.71 -2.68 -3.67
N PHE A 60 -17.42 -1.65 -3.25
CA PHE A 60 -16.87 -0.62 -2.38
C PHE A 60 -17.48 -0.70 -0.98
N ILE A 61 -16.61 -0.67 0.04
CA ILE A 61 -17.01 -0.59 1.43
C ILE A 61 -16.30 0.59 2.06
N LEU A 62 -17.08 1.55 2.57
CA LEU A 62 -16.53 2.71 3.25
C LEU A 62 -15.92 2.25 4.57
N CYS A 63 -14.65 2.59 4.79
CA CYS A 63 -13.95 2.09 5.96
C CYS A 63 -12.70 2.93 6.14
N ASP A 64 -12.58 3.54 7.31
CA ASP A 64 -11.37 4.24 7.73
C ASP A 64 -10.53 3.28 8.55
N VAL A 65 -9.33 2.94 8.04
CA VAL A 65 -8.53 1.88 8.65
C VAL A 65 -8.00 2.26 10.02
N THR A 66 -8.09 3.52 10.42
CA THR A 66 -7.71 3.95 11.77
C THR A 66 -8.81 3.69 12.80
N GLN A 67 -9.98 3.23 12.37
CA GLN A 67 -11.13 3.05 13.25
C GLN A 67 -11.38 1.54 13.34
N GLU A 68 -11.09 0.96 14.50
CA GLU A 68 -11.07 -0.49 14.65
C GLU A 68 -12.40 -1.11 14.29
N ASP A 69 -13.50 -0.47 14.67
CA ASP A 69 -14.82 -1.04 14.37
C ASP A 69 -15.16 -0.95 12.88
N ASP A 70 -14.65 0.08 12.16
CA ASP A 70 -14.79 0.10 10.71
C ASP A 70 -14.11 -1.11 10.09
N VAL A 71 -12.92 -1.46 10.61
CA VAL A 71 -12.15 -2.57 10.05
C VAL A 71 -12.80 -3.90 10.39
N LYS A 72 -13.33 -4.03 11.61
N LYS A 72 -13.33 -4.04 11.62
CA LYS A 72 -14.05 -5.24 11.95
CA LYS A 72 -14.06 -5.25 11.95
C LYS A 72 -15.22 -5.47 10.99
C LYS A 72 -15.21 -5.47 10.99
N THR A 73 -15.96 -4.41 10.69
CA THR A 73 -17.08 -4.51 9.78
C THR A 73 -16.62 -4.80 8.36
N LEU A 74 -15.48 -4.23 7.96
CA LEU A 74 -14.93 -4.54 6.64
C LEU A 74 -14.70 -6.03 6.47
N VAL A 75 -14.07 -6.66 7.46
CA VAL A 75 -13.78 -8.09 7.36
C VAL A 75 -15.07 -8.91 7.42
N SER A 76 -15.97 -8.58 8.35
CA SER A 76 -17.17 -9.41 8.48
C SER A 76 -18.07 -9.26 7.26
N GLU A 77 -18.13 -8.07 6.66
CA GLU A 77 -18.91 -7.90 5.44
C GLU A 77 -18.27 -8.62 4.25
N THR A 78 -16.93 -8.64 4.16
CA THR A 78 -16.27 -9.38 3.09
C THR A 78 -16.61 -10.86 3.17
N ILE A 79 -16.53 -11.43 4.38
CA ILE A 79 -16.87 -12.84 4.56
C ILE A 79 -18.36 -13.08 4.32
N ARG A 80 -19.23 -12.20 4.82
CA ARG A 80 -20.67 -12.41 4.64
C ARG A 80 -21.02 -12.40 3.15
N ARG A 81 -20.40 -11.50 2.39
CA ARG A 81 -20.79 -11.32 1.01
C ARG A 81 -20.11 -12.29 0.05
N PHE A 82 -18.89 -12.73 0.35
CA PHE A 82 -18.09 -13.50 -0.59
C PHE A 82 -17.61 -14.84 -0.08
N GLY A 83 -17.74 -15.13 1.21
CA GLY A 83 -17.54 -16.48 1.72
C GLY A 83 -16.11 -16.90 2.01
N ARG A 84 -15.13 -16.03 1.76
CA ARG A 84 -13.74 -16.38 1.96
C ARG A 84 -12.93 -15.10 1.84
N LEU A 85 -11.67 -15.17 2.28
CA LEU A 85 -10.73 -14.06 2.11
C LEU A 85 -9.35 -14.63 1.84
N ASP A 86 -8.74 -14.24 0.71
CA ASP A 86 -7.48 -14.80 0.25
C ASP A 86 -6.31 -13.84 0.34
N CYS A 87 -6.55 -12.54 0.25
CA CYS A 87 -5.45 -11.59 0.19
C CYS A 87 -5.90 -10.26 0.76
N VAL A 88 -5.04 -9.67 1.57
N VAL A 88 -5.10 -9.66 1.63
CA VAL A 88 -5.23 -8.33 2.08
CA VAL A 88 -5.31 -8.29 2.06
C VAL A 88 -4.08 -7.51 1.56
C VAL A 88 -4.12 -7.46 1.62
N VAL A 89 -4.40 -6.37 0.93
CA VAL A 89 -3.40 -5.42 0.47
C VAL A 89 -3.55 -4.16 1.32
N ASN A 90 -2.55 -3.91 2.16
CA ASN A 90 -2.57 -2.76 3.07
C ASN A 90 -1.88 -1.61 2.36
N ASN A 91 -2.65 -0.85 1.60
CA ASN A 91 -2.16 0.25 0.79
C ASN A 91 -2.47 1.62 1.37
N ALA A 92 -3.56 1.78 2.12
CA ALA A 92 -3.90 3.09 2.68
C ALA A 92 -2.72 3.68 3.45
N GLY A 93 -2.44 4.94 3.17
CA GLY A 93 -1.37 5.65 3.83
C GLY A 93 -1.31 7.05 3.31
N HIS A 94 -0.50 7.88 3.97
CA HIS A 94 -0.38 9.27 3.60
C HIS A 94 1.06 9.73 3.79
N HIS A 95 1.47 10.68 2.94
CA HIS A 95 2.72 11.38 3.11
C HIS A 95 2.42 12.84 3.46
N PRO A 96 2.80 13.31 4.63
CA PRO A 96 2.62 14.73 4.95
C PRO A 96 3.44 15.60 4.02
N PRO A 97 3.15 16.89 3.96
CA PRO A 97 4.04 17.81 3.27
C PRO A 97 5.44 17.76 3.86
N PRO A 98 6.44 18.20 3.11
CA PRO A 98 7.79 18.31 3.66
C PRO A 98 7.78 19.05 4.99
N GLN A 99 8.50 18.51 5.97
CA GLN A 99 8.55 19.07 7.31
C GLN A 99 9.97 18.89 7.83
N ARG A 100 10.62 19.99 8.18
CA ARG A 100 11.92 19.89 8.81
C ARG A 100 11.74 19.22 10.18
N PRO A 101 12.78 18.56 10.70
CA PRO A 101 12.58 17.83 11.95
C PRO A 101 12.02 18.70 13.07
N GLU A 102 12.51 19.93 13.20
CA GLU A 102 12.05 20.79 14.28
C GLU A 102 10.62 21.28 14.09
N GLU A 103 10.05 21.11 12.90
CA GLU A 103 8.67 21.46 12.63
C GLU A 103 7.70 20.31 12.85
N THR A 104 8.21 19.10 13.09
CA THR A 104 7.34 17.97 13.37
C THR A 104 6.91 18.02 14.84
N SER A 105 5.90 17.22 15.17
CA SER A 105 5.45 17.08 16.55
C SER A 105 5.23 15.61 16.87
N ALA A 106 5.38 15.27 18.15
CA ALA A 106 5.03 13.93 18.59
C ALA A 106 3.57 13.61 18.28
N GLN A 107 2.67 14.59 18.39
N GLN A 107 2.69 14.61 18.44
CA GLN A 107 1.27 14.25 18.12
CA GLN A 107 1.28 14.45 18.11
C GLN A 107 1.00 14.05 16.63
C GLN A 107 1.10 14.03 16.66
N GLY A 108 1.68 14.80 15.74
CA GLY A 108 1.58 14.49 14.32
C GLY A 108 2.17 13.14 13.98
N PHE A 109 3.28 12.80 14.64
CA PHE A 109 3.94 11.51 14.44
C PHE A 109 3.01 10.38 14.87
N ARG A 110 2.35 10.51 16.04
CA ARG A 110 1.39 9.50 16.48
C ARG A 110 0.24 9.34 15.48
N GLN A 111 -0.27 10.45 14.96
CA GLN A 111 -1.36 10.38 13.99
C GLN A 111 -0.93 9.63 12.73
N LEU A 112 0.30 9.88 12.26
CA LEU A 112 0.75 9.21 11.05
C LEU A 112 1.01 7.74 11.30
N LEU A 113 1.51 7.40 12.48
CA LEU A 113 1.63 6.00 12.86
C LEU A 113 0.28 5.31 12.87
N GLU A 114 -0.77 5.99 13.33
CA GLU A 114 -2.10 5.37 13.35
C GLU A 114 -2.52 4.91 11.97
N LEU A 115 -2.27 5.73 10.96
CA LEU A 115 -2.67 5.36 9.61
C LEU A 115 -1.67 4.40 8.98
N ASN A 116 -0.43 4.83 8.83
CA ASN A 116 0.49 4.10 7.98
C ASN A 116 0.93 2.78 8.59
N LEU A 117 0.94 2.67 9.91
CA LEU A 117 1.39 1.45 10.59
C LEU A 117 0.25 0.70 11.27
N LEU A 118 -0.47 1.34 12.19
CA LEU A 118 -1.45 0.60 12.98
C LEU A 118 -2.68 0.20 12.17
N GLY A 119 -3.06 0.97 11.14
CA GLY A 119 -4.17 0.53 10.30
C GLY A 119 -3.84 -0.76 9.57
N THR A 120 -2.60 -0.86 9.09
CA THR A 120 -2.10 -2.08 8.46
C THR A 120 -2.09 -3.23 9.47
N TYR A 121 -1.59 -2.97 10.68
CA TYR A 121 -1.60 -3.97 11.75
C TYR A 121 -3.02 -4.45 12.05
N THR A 122 -3.98 -3.53 12.21
CA THR A 122 -5.33 -3.90 12.64
C THR A 122 -6.04 -4.77 11.60
N LEU A 123 -6.05 -4.36 10.33
CA LEU A 123 -6.71 -5.17 9.32
C LEU A 123 -6.04 -6.53 9.23
N THR A 124 -4.71 -6.56 9.24
CA THR A 124 -4.01 -7.84 9.14
C THR A 124 -4.45 -8.77 10.26
N LYS A 125 -4.45 -8.26 11.51
CA LYS A 125 -4.85 -9.06 12.66
C LYS A 125 -6.27 -9.61 12.49
N LEU A 126 -7.22 -8.75 12.09
CA LEU A 126 -8.61 -9.20 11.95
C LEU A 126 -8.78 -10.17 10.79
N ALA A 127 -7.94 -10.06 9.77
CA ALA A 127 -8.05 -10.91 8.58
C ALA A 127 -7.36 -12.26 8.75
N LEU A 128 -6.34 -12.35 9.61
CA LEU A 128 -5.51 -13.54 9.66
C LEU A 128 -6.28 -14.83 9.92
N PRO A 129 -7.31 -14.88 10.76
CA PRO A 129 -8.01 -16.16 10.92
C PRO A 129 -8.59 -16.69 9.61
N TYR A 130 -9.04 -15.79 8.74
CA TYR A 130 -9.61 -16.19 7.46
C TYR A 130 -8.52 -16.52 6.45
N LEU A 131 -7.41 -15.76 6.49
CA LEU A 131 -6.28 -16.08 5.63
C LEU A 131 -5.69 -17.43 5.97
N ARG A 132 -5.70 -17.83 7.25
CA ARG A 132 -5.19 -19.15 7.58
C ARG A 132 -6.06 -20.24 6.94
N LYS A 133 -7.38 -20.04 6.94
CA LYS A 133 -8.28 -21.03 6.37
C LYS A 133 -8.04 -21.19 4.88
N SER A 134 -7.72 -20.11 4.18
CA SER A 134 -7.54 -20.12 2.74
C SER A 134 -6.10 -20.27 2.30
N GLN A 135 -5.15 -20.36 3.24
CA GLN A 135 -3.73 -20.29 2.93
C GLN A 135 -3.47 -19.07 2.05
N GLY A 136 -4.04 -17.95 2.48
CA GLY A 136 -3.94 -16.68 1.78
C GLY A 136 -2.67 -15.96 2.13
N ASN A 137 -2.64 -14.67 1.81
CA ASN A 137 -1.40 -13.90 1.98
C ASN A 137 -1.71 -12.43 2.25
N VAL A 138 -0.71 -11.76 2.82
CA VAL A 138 -0.75 -10.33 3.12
C VAL A 138 0.28 -9.62 2.25
N ILE A 139 -0.09 -8.46 1.70
CA ILE A 139 0.80 -7.61 0.93
C ILE A 139 0.72 -6.21 1.53
N ASN A 140 1.82 -5.72 2.08
CA ASN A 140 1.86 -4.39 2.63
C ASN A 140 2.55 -3.44 1.65
N ILE A 141 2.00 -2.25 1.47
CA ILE A 141 2.63 -1.24 0.61
C ILE A 141 3.45 -0.34 1.53
N SER A 142 4.76 -0.53 1.49
CA SER A 142 5.67 0.27 2.28
C SER A 142 6.16 1.43 1.42
N SER A 143 7.48 1.65 1.38
CA SER A 143 8.10 2.69 0.56
C SER A 143 9.59 2.46 0.51
N LEU A 144 10.19 2.74 -0.64
CA LEU A 144 11.64 2.77 -0.73
C LEU A 144 12.26 3.65 0.35
N VAL A 145 11.61 4.74 0.72
CA VAL A 145 12.28 5.65 1.64
C VAL A 145 12.38 5.08 3.04
N GLY A 146 11.60 4.03 3.37
CA GLY A 146 11.85 3.35 4.64
C GLY A 146 13.22 2.72 4.68
N ALA A 147 13.76 2.34 3.53
CA ALA A 147 15.04 1.64 3.47
C ALA A 147 16.22 2.59 3.32
N ILE A 148 16.04 3.70 2.61
CA ILE A 148 17.14 4.60 2.29
C ILE A 148 16.99 5.99 2.86
N GLY A 149 15.86 6.32 3.47
CA GLY A 149 15.64 7.66 3.98
C GLY A 149 15.13 8.62 2.92
N GLN A 150 14.60 9.74 3.40
CA GLN A 150 14.15 10.86 2.57
C GLN A 150 14.33 12.11 3.41
N ALA A 151 14.56 13.24 2.75
CA ALA A 151 14.68 14.50 3.46
C ALA A 151 13.31 15.07 3.79
N GLN A 152 13.25 15.79 4.92
CA GLN A 152 12.06 16.51 5.39
C GLN A 152 10.86 15.57 5.55
N ALA A 153 11.10 14.39 6.11
CA ALA A 153 10.04 13.39 6.25
C ALA A 153 10.32 12.40 7.38
N VAL A 154 10.83 12.85 8.49
CA VAL A 154 11.17 11.92 9.58
C VAL A 154 10.01 11.03 9.96
N PRO A 155 8.81 11.55 10.25
CA PRO A 155 7.71 10.66 10.63
C PRO A 155 7.33 9.67 9.54
N TYR A 156 7.17 10.13 8.29
CA TYR A 156 6.81 9.22 7.21
C TYR A 156 7.82 8.10 7.07
N VAL A 157 9.10 8.45 7.02
CA VAL A 157 10.15 7.45 6.86
C VAL A 157 10.08 6.41 7.98
N ALA A 158 9.95 6.89 9.21
CA ALA A 158 9.87 5.97 10.34
C ALA A 158 8.68 5.02 10.18
N THR A 159 7.51 5.52 9.71
CA THR A 159 6.36 4.62 9.60
C THR A 159 6.63 3.52 8.58
N LYS A 160 7.33 3.85 7.49
CA LYS A 160 7.56 2.84 6.46
C LYS A 160 8.68 1.89 6.86
N GLY A 161 9.70 2.36 7.57
CA GLY A 161 10.64 1.39 8.14
C GLY A 161 9.93 0.40 9.05
N ALA A 162 8.94 0.89 9.81
CA ALA A 162 8.17 0.00 10.68
C ALA A 162 7.39 -1.03 9.88
N VAL A 163 6.75 -0.61 8.80
CA VAL A 163 5.95 -1.53 8.00
C VAL A 163 6.81 -2.63 7.41
N THR A 164 7.96 -2.26 6.83
CA THR A 164 8.83 -3.24 6.22
C THR A 164 9.32 -4.25 7.25
N ALA A 165 9.73 -3.75 8.42
CA ALA A 165 10.18 -4.65 9.47
C ALA A 165 9.06 -5.54 9.98
N MET A 166 7.88 -4.95 10.21
CA MET A 166 6.73 -5.73 10.68
C MET A 166 6.37 -6.85 9.71
N THR A 167 6.49 -6.58 8.40
CA THR A 167 6.25 -7.60 7.40
C THR A 167 7.11 -8.83 7.62
N LYS A 168 8.39 -8.63 7.94
CA LYS A 168 9.31 -9.74 8.18
C LYS A 168 8.94 -10.52 9.45
N ALA A 169 8.65 -9.80 10.55
CA ALA A 169 8.23 -10.45 11.78
C ALA A 169 6.99 -11.29 11.56
N LEU A 170 5.97 -10.73 10.90
CA LEU A 170 4.74 -11.45 10.72
C LEU A 170 4.93 -12.64 9.78
N ALA A 171 5.78 -12.49 8.77
CA ALA A 171 6.11 -13.61 7.90
C ALA A 171 6.67 -14.79 8.70
N LEU A 172 7.56 -14.50 9.67
CA LEU A 172 8.06 -15.56 10.54
C LEU A 172 6.92 -16.18 11.32
N ASP A 173 6.05 -15.35 11.90
CA ASP A 173 5.02 -15.90 12.77
C ASP A 173 3.97 -16.70 12.01
N GLU A 174 3.66 -16.32 10.77
CA GLU A 174 2.57 -16.97 10.04
C GLU A 174 3.06 -18.08 9.13
N SER A 175 4.37 -18.24 8.96
N SER A 175 4.36 -18.24 8.94
CA SER A 175 4.90 -19.32 8.11
CA SER A 175 4.86 -19.32 8.08
C SER A 175 4.40 -20.71 8.50
C SER A 175 4.37 -20.71 8.49
N PRO A 176 4.32 -21.07 9.78
CA PRO A 176 3.84 -22.43 10.11
C PRO A 176 2.44 -22.68 9.63
N TYR A 177 1.66 -21.63 9.40
CA TYR A 177 0.28 -21.75 9.01
C TYR A 177 0.08 -21.59 7.52
N GLY A 178 1.16 -21.45 6.76
CA GLY A 178 1.07 -21.36 5.32
C GLY A 178 0.65 -20.02 4.78
N VAL A 179 0.67 -18.98 5.60
CA VAL A 179 0.26 -17.64 5.19
C VAL A 179 1.53 -16.84 4.95
N ARG A 180 1.71 -16.38 3.72
CA ARG A 180 2.84 -15.55 3.34
C ARG A 180 2.52 -14.09 3.60
N VAL A 181 3.56 -13.34 3.94
CA VAL A 181 3.44 -11.92 4.26
C VAL A 181 4.60 -11.22 3.59
N ASN A 182 4.29 -10.33 2.63
CA ASN A 182 5.30 -9.66 1.83
C ASN A 182 4.98 -8.18 1.76
N CYS A 183 5.97 -7.39 1.34
CA CYS A 183 5.70 -5.98 1.09
C CYS A 183 6.25 -5.57 -0.26
N ILE A 184 5.66 -4.49 -0.77
CA ILE A 184 6.15 -3.80 -1.96
C ILE A 184 6.62 -2.44 -1.49
N SER A 185 7.82 -2.05 -1.92
CA SER A 185 8.35 -0.71 -1.63
C SER A 185 8.41 0.06 -2.94
N PRO A 186 7.38 0.85 -3.26
CA PRO A 186 7.44 1.69 -4.45
C PRO A 186 8.39 2.84 -4.23
N GLY A 187 8.94 3.33 -5.34
CA GLY A 187 9.58 4.63 -5.40
C GLY A 187 8.56 5.66 -5.84
N ASN A 188 9.01 6.58 -6.67
CA ASN A 188 8.14 7.63 -7.19
C ASN A 188 7.11 7.04 -8.15
N ILE A 189 5.85 7.01 -7.71
CA ILE A 189 4.72 6.59 -8.55
C ILE A 189 3.81 7.80 -8.76
N TRP A 190 3.42 8.05 -10.01
CA TRP A 190 2.60 9.21 -10.32
C TRP A 190 1.16 8.93 -9.90
N THR A 191 0.74 9.60 -8.84
CA THR A 191 -0.57 9.41 -8.22
C THR A 191 -1.11 10.76 -7.78
N PRO A 192 -2.37 10.83 -7.35
CA PRO A 192 -2.88 12.09 -6.82
C PRO A 192 -2.11 12.60 -5.61
N LEU A 193 -1.60 11.71 -4.74
CA LEU A 193 -0.75 12.18 -3.66
C LEU A 193 0.50 12.87 -4.20
N TRP A 194 1.16 12.27 -5.19
CA TRP A 194 2.35 12.91 -5.74
C TRP A 194 1.99 14.28 -6.32
N GLU A 195 0.85 14.36 -7.01
CA GLU A 195 0.45 15.61 -7.65
C GLU A 195 0.10 16.67 -6.61
N GLU A 196 -0.55 16.25 -5.51
CA GLU A 196 -0.92 17.19 -4.43
C GLU A 196 0.32 17.72 -3.71
N LEU A 197 1.29 16.83 -3.42
CA LEU A 197 2.52 17.28 -2.79
C LEU A 197 3.28 18.25 -3.68
N ALA A 198 3.39 17.93 -4.97
CA ALA A 198 4.11 18.84 -5.88
C ALA A 198 3.44 20.20 -5.97
N ALA A 199 2.11 20.25 -5.89
CA ALA A 199 1.40 21.52 -6.01
C ALA A 199 1.70 22.47 -4.87
N LEU A 200 2.16 21.95 -3.73
CA LEU A 200 2.54 22.76 -2.58
C LEU A 200 3.89 23.44 -2.77
N MET A 201 4.70 23.00 -3.74
CA MET A 201 6.06 23.50 -3.85
C MET A 201 6.10 24.82 -4.59
N PRO A 202 7.16 25.59 -4.42
CA PRO A 202 7.29 26.87 -5.16
C PRO A 202 7.19 26.69 -6.66
N ASP A 203 7.91 25.71 -7.22
CA ASP A 203 7.84 25.40 -8.65
C ASP A 203 7.41 23.94 -8.73
N PRO A 204 6.10 23.68 -8.79
CA PRO A 204 5.65 22.29 -8.94
C PRO A 204 6.24 21.59 -10.14
N ARG A 205 6.40 22.29 -11.26
CA ARG A 205 6.93 21.66 -12.46
C ARG A 205 8.36 21.19 -12.25
N ALA A 206 9.19 22.01 -11.58
CA ALA A 206 10.56 21.60 -11.30
C ALA A 206 10.57 20.41 -10.34
N THR A 207 9.66 20.39 -9.38
CA THR A 207 9.59 19.26 -8.46
C THR A 207 9.25 17.98 -9.21
N ILE A 208 8.29 18.04 -10.12
CA ILE A 208 7.92 16.88 -10.90
C ILE A 208 9.06 16.44 -11.81
N ARG A 209 9.75 17.39 -12.46
CA ARG A 209 10.85 17.01 -13.32
C ARG A 209 11.95 16.30 -12.54
N GLU A 210 12.30 16.84 -11.36
CA GLU A 210 13.28 16.17 -10.51
C GLU A 210 12.80 14.79 -10.11
N GLY A 211 11.50 14.64 -9.86
CA GLY A 211 10.96 13.34 -9.50
C GLY A 211 11.12 12.31 -10.59
N MET A 212 10.89 12.72 -11.85
CA MET A 212 11.10 11.81 -12.98
C MET A 212 12.56 11.42 -13.11
N LEU A 213 13.47 12.37 -12.95
CA LEU A 213 14.88 12.12 -13.16
C LEU A 213 15.57 11.45 -11.98
N ALA A 214 14.87 11.22 -10.86
CA ALA A 214 15.46 10.52 -9.74
C ALA A 214 15.63 9.03 -10.03
N GLN A 215 15.01 8.54 -11.10
CA GLN A 215 15.07 7.15 -11.49
C GLN A 215 15.96 7.00 -12.70
N PRO A 216 16.88 6.03 -12.72
CA PRO A 216 17.57 5.72 -13.96
C PRO A 216 16.66 5.53 -15.16
N LEU A 217 15.45 4.99 -14.98
CA LEU A 217 14.54 4.81 -16.09
C LEU A 217 13.94 6.11 -16.61
N GLY A 218 14.16 7.22 -15.91
CA GLY A 218 13.81 8.53 -16.43
C GLY A 218 12.34 8.89 -16.42
N ARG A 219 11.51 8.13 -15.72
CA ARG A 219 10.10 8.44 -15.55
C ARG A 219 9.70 7.95 -14.17
N MET A 220 8.52 8.38 -13.75
CA MET A 220 7.93 7.82 -12.54
C MET A 220 7.17 6.55 -12.89
N GLY A 221 6.85 5.79 -11.88
CA GLY A 221 6.11 4.57 -12.08
C GLY A 221 4.61 4.80 -12.11
N GLN A 222 3.88 3.76 -12.51
CA GLN A 222 2.44 3.81 -12.63
C GLN A 222 1.78 2.91 -11.59
N PRO A 223 0.57 3.27 -11.12
CA PRO A 223 -0.20 2.34 -10.28
C PRO A 223 -0.35 0.94 -10.85
N ALA A 224 -0.49 0.82 -12.18
CA ALA A 224 -0.62 -0.51 -12.78
C ALA A 224 0.63 -1.36 -12.60
N GLU A 225 1.80 -0.73 -12.52
CA GLU A 225 3.03 -1.48 -12.28
C GLU A 225 3.10 -1.98 -10.85
N VAL A 226 2.66 -1.17 -9.87
CA VAL A 226 2.57 -1.70 -8.51
C VAL A 226 1.52 -2.80 -8.44
N GLY A 227 0.41 -2.62 -9.16
CA GLY A 227 -0.62 -3.66 -9.20
C GLY A 227 -0.13 -4.99 -9.74
N ALA A 228 0.67 -4.97 -10.81
CA ALA A 228 1.18 -6.22 -11.35
C ALA A 228 2.10 -6.90 -10.34
N ALA A 229 2.89 -6.13 -9.60
CA ALA A 229 3.73 -6.72 -8.58
C ALA A 229 2.90 -7.36 -7.48
N ALA A 230 1.78 -6.74 -7.11
CA ALA A 230 0.92 -7.30 -6.08
C ALA A 230 0.29 -8.60 -6.56
N VAL A 231 -0.16 -8.65 -7.80
CA VAL A 231 -0.75 -9.88 -8.32
C VAL A 231 0.28 -11.00 -8.37
N PHE A 232 1.53 -10.68 -8.74
CA PHE A 232 2.59 -11.69 -8.70
C PHE A 232 2.76 -12.23 -7.29
N LEU A 233 2.84 -11.34 -6.30
CA LEU A 233 3.05 -11.79 -4.93
C LEU A 233 1.89 -12.64 -4.42
N ALA A 234 0.66 -12.30 -4.79
CA ALA A 234 -0.48 -13.07 -4.34
C ALA A 234 -0.55 -14.44 -5.03
N SER A 235 -0.38 -14.46 -6.34
CA SER A 235 -0.80 -15.59 -7.16
C SER A 235 0.33 -16.52 -7.61
N GLU A 236 1.59 -16.07 -7.65
CA GLU A 236 2.66 -16.86 -8.26
C GLU A 236 3.94 -16.88 -7.44
N ALA A 237 3.97 -16.27 -6.27
CA ALA A 237 5.21 -16.17 -5.50
C ALA A 237 5.13 -17.09 -4.30
N ASN A 238 4.85 -18.37 -4.53
CA ASN A 238 4.51 -19.28 -3.45
C ASN A 238 5.67 -19.63 -2.55
N PHE A 239 6.91 -19.34 -2.93
CA PHE A 239 8.09 -19.54 -2.11
C PHE A 239 8.66 -18.21 -1.62
N CYS A 240 7.92 -17.12 -1.77
CA CYS A 240 8.34 -15.81 -1.25
C CYS A 240 7.55 -15.47 0.00
N THR A 241 8.26 -15.24 1.08
CA THR A 241 7.63 -14.68 2.27
C THR A 241 8.63 -13.78 2.97
N GLY A 242 8.13 -12.67 3.50
CA GLY A 242 9.01 -11.71 4.15
C GLY A 242 9.88 -10.90 3.22
N ILE A 243 9.56 -10.84 1.91
CA ILE A 243 10.37 -10.07 0.99
C ILE A 243 9.88 -8.64 0.88
N GLU A 244 10.79 -7.79 0.43
CA GLU A 244 10.52 -6.39 0.10
C GLU A 244 10.77 -6.26 -1.38
N LEU A 245 9.70 -6.18 -2.16
CA LEU A 245 9.80 -6.11 -3.62
C LEU A 245 9.87 -4.65 -4.06
N LEU A 246 11.01 -4.24 -4.62
CA LEU A 246 11.26 -2.85 -4.98
C LEU A 246 10.64 -2.55 -6.33
N VAL A 247 9.81 -1.51 -6.38
CA VAL A 247 9.19 -1.04 -7.63
C VAL A 247 9.51 0.44 -7.71
N THR A 248 10.73 0.74 -8.13
CA THR A 248 11.33 2.05 -7.93
C THR A 248 12.00 2.61 -9.17
N GLY A 249 12.07 1.87 -10.27
CA GLY A 249 12.77 2.35 -11.45
C GLY A 249 14.26 2.52 -11.28
N GLY A 250 14.86 1.85 -10.29
CA GLY A 250 16.28 1.96 -10.03
C GLY A 250 16.73 3.13 -9.18
N ALA A 251 15.81 3.82 -8.50
CA ALA A 251 16.18 5.03 -7.74
C ALA A 251 17.24 4.77 -6.68
N GLU A 252 17.26 3.58 -6.08
CA GLU A 252 18.23 3.26 -5.03
C GLU A 252 19.63 2.96 -5.56
N LEU A 253 19.81 2.90 -6.87
CA LEU A 253 21.07 2.48 -7.47
C LEU A 253 21.96 3.70 -7.69
N GLY A 254 23.26 3.51 -7.49
CA GLY A 254 24.25 4.51 -7.86
C GLY A 254 24.24 5.74 -6.99
N TYR A 255 25.10 6.67 -7.40
CA TYR A 255 25.34 7.97 -6.81
C TYR A 255 24.47 9.03 -7.47
N GLY A 256 24.20 10.10 -6.73
CA GLY A 256 23.38 11.17 -7.25
C GLY A 256 23.69 12.48 -6.57
N CYS A 257 22.72 13.39 -6.61
N CYS A 257 22.72 13.38 -6.63
CA CYS A 257 22.88 14.73 -6.05
CA CYS A 257 22.83 14.72 -6.05
C CYS A 257 22.25 14.75 -4.66
C CYS A 257 22.23 14.67 -4.65
N LYS A 258 23.08 14.57 -3.64
CA LYS A 258 22.62 14.53 -2.25
C LYS A 258 23.09 15.76 -1.48
N PRO A 268 38.71 19.36 -0.96
CA PRO A 268 37.62 18.51 -1.43
C PRO A 268 37.15 17.57 -0.33
N ASP A 269 38.04 17.29 0.63
CA ASP A 269 37.79 16.36 1.72
C ASP A 269 37.70 17.05 3.07
N ILE A 270 37.42 18.35 3.09
CA ILE A 270 37.31 19.10 4.35
C ILE A 270 35.97 19.84 4.50
PA NAD B . -3.14 8.54 -2.70
O1A NAD B . -3.31 9.62 -1.69
O2A NAD B . -3.18 8.93 -4.17
O5B NAD B . -4.23 7.43 -2.43
C5B NAD B . -4.40 6.93 -1.09
C4B NAD B . -5.80 6.39 -0.91
O4B NAD B . -5.90 5.92 0.44
C3B NAD B . -6.90 7.44 -1.11
O3B NAD B . -8.01 6.96 -1.89
C2B NAD B . -7.27 7.80 0.33
O2B NAD B . -8.62 8.26 0.51
C1B NAD B . -7.08 6.45 1.01
N9A NAD B . -6.92 6.53 2.45
C8A NAD B . -6.19 7.45 3.15
N7A NAD B . -6.34 7.37 4.45
C5A NAD B . -7.23 6.32 4.61
C6A NAD B . -7.81 5.74 5.76
N6A NAD B . -7.62 6.20 7.02
N1A NAD B . -8.62 4.66 5.58
C2A NAD B . -8.87 4.24 4.33
N3A NAD B . -8.40 4.73 3.18
C4A NAD B . -7.57 5.77 3.38
O3 NAD B . -1.76 7.81 -2.38
PN NAD B . -0.79 6.86 -3.22
O1N NAD B . 0.27 7.70 -3.81
O2N NAD B . -1.60 6.01 -4.12
O5D NAD B . -0.16 5.99 -2.04
C5D NAD B . -0.70 4.70 -1.68
C4D NAD B . 0.32 4.05 -0.76
O4D NAD B . 1.59 3.94 -1.47
C3D NAD B . 0.62 4.78 0.54
O3D NAD B . 0.81 3.83 1.59
C2D NAD B . 1.94 5.49 0.25
O2D NAD B . 2.71 5.70 1.44
C1D NAD B . 2.60 4.46 -0.66
N1N NAD B . 3.71 4.99 -1.54
C2N NAD B . 3.42 5.90 -2.48
C3N NAD B . 4.43 6.39 -3.29
C7N NAD B . 4.23 7.35 -4.43
O7N NAD B . 5.21 7.77 -5.03
N7N NAD B . 2.95 7.69 -4.75
C4N NAD B . 5.73 5.93 -3.10
C5N NAD B . 5.99 4.98 -2.12
C6N NAD B . 4.96 4.52 -1.34
NA NA C . -18.72 -3.68 -9.40
C2 BGC D . -4.01 7.96 -12.31
C3 BGC D . -3.53 8.82 -13.46
C4 BGC D . -3.20 10.23 -12.99
C5 BGC D . -2.25 10.16 -11.79
C6 BGC D . -1.94 11.50 -11.19
C1 BGC D . -3.04 8.02 -11.15
O1 BGC D . -3.54 7.27 -10.08
O2 BGC D . -4.16 6.61 -12.73
O3 BGC D . -4.54 8.87 -14.47
O4 BGC D . -2.58 10.95 -14.04
O5 BGC D . -2.87 9.38 -10.77
O6 BGC D . -3.11 12.09 -10.66
O05 9MB E . 5.77 11.01 -2.14
O01 9MB E . 6.97 6.90 -0.17
C02 9MB E . 7.29 7.86 -1.11
C20 9MB E . 7.78 9.86 -2.95
C21 9MB E . 8.62 8.74 -2.88
C22 9MB E . 8.39 7.74 -1.95
F23 9MB E . 9.23 6.64 -1.89
C04 9MB E . 6.69 9.95 -2.10
C03 9MB E . 6.44 8.94 -1.19
C06 9MB E . 6.34 12.25 -2.48
C06 9MB E . 6.26 12.28 -2.38
C07 9MB E . 5.81 12.96 -3.54
C07 9MB E . 6.03 12.92 -3.59
C08 9MB E . 6.35 14.18 -3.91
C08 9MB E . 6.52 14.21 -3.81
C09 9MB E . 7.43 14.67 -3.20
C09 9MB E . 7.22 14.82 -2.79
C10 9MB E . 7.92 13.92 -2.14
C10 9MB E . 7.41 14.11 -1.61
C11 9MB E . 8.99 14.37 -1.38
C11 9MB E . 8.10 14.61 -0.51
C12 9MB E . 10.27 14.49 -1.93
C12 9MB E . 7.42 15.08 0.59
C13 9MB E . 11.33 14.93 -1.16
C13 9MB E . 8.11 15.55 1.68
C14 9MB E . 11.13 15.22 0.19
C14 9MB E . 9.50 15.53 1.67
C15 9MB E . 9.87 15.09 0.74
C15 9MB E . 10.18 15.04 0.56
O16 9MB E . 9.63 15.37 2.09
O16 9MB E . 11.58 15.02 0.55
C17 9MB E . 8.81 14.67 -0.05
C17 9MB E . 9.47 14.57 -0.53
F18 9MB E . 7.58 14.53 0.52
F18 9MB E . 10.13 14.08 -1.63
N19 9MB E . 7.38 12.76 -1.81
N19 9MB E . 6.94 12.90 -1.44
#